data_5FFM
#
_entry.id   5FFM
#
_cell.length_a   54.660
_cell.length_b   44.370
_cell.length_c   92.510
_cell.angle_alpha   90.000
_cell.angle_beta   104.090
_cell.angle_gamma   90.000
#
_symmetry.space_group_name_H-M   'P 1 21 1'
#
loop_
_entity.id
_entity.type
_entity.pdbx_description
1 polymer 'Serine protease NS3'
2 water water
#
_entity_poly.entity_id   1
_entity_poly.type   'polypeptide(L)'
_entity_poly.pdbx_seq_one_letter_code
;GSH(MSE)LKKG(MSE)TTVLDFHPGAGKTRRFLPQILAECARRRLRTLVLAPTRVVLSE(MSE)KEAFHGLDVKFHTQA
FSAHGSGREVIDA(MSE)CHATLTYR(MSE)LEPTRVVNWEVII(MSE)DEAHFLDPASIAARGWAAHRARANESATIL
(MSE)TATPPGTSDEFPHSNGEIEDVQTDIPSEPWNTGHDWILADKRPTAWFLPSIRAANV(MSE)AASLRKAGKSVVVL
NRKTFEREYPTIKQKKPDFILATDIAE(MSE)GANLCVERVLDCRTAFKPVLVDEGRKVAIKGPLRISASSAAQRRGRIG
RNPNRDGDSYYYSEPTSENNAHHVCWLEAS(MSE)LLDN(MSE)EVRGG(MSE)VAPLYGVEGTKTPVSPGE(MSE)RLR
DDQRKVFRELVRNCDLPVWLSWQVAKAGLKTNDRKWCFEGPEEHEILNDSGETVKCRAPGGAKKPLRPRWCDERVSSDQS
ALSEFIKFAEGRR
;
_entity_poly.pdbx_strand_id   A
#
# COMPACT_ATOMS: atom_id res chain seq x y z
N SER A 2 7.62 -12.84 25.97
CA SER A 2 8.38 -12.15 27.00
C SER A 2 9.78 -11.82 26.51
N HIS A 3 10.25 -12.57 25.52
CA HIS A 3 11.57 -12.36 24.91
C HIS A 3 11.46 -11.62 23.58
N LEU A 5 12.41 -8.68 22.52
CA LEU A 5 13.56 -7.92 22.08
C LEU A 5 14.83 -8.73 22.00
N LYS A 6 14.72 -10.05 21.94
CA LYS A 6 15.86 -10.95 21.82
C LYS A 6 16.09 -11.28 20.35
N LYS A 7 17.35 -11.19 19.91
CA LYS A 7 17.69 -11.51 18.53
C LYS A 7 17.21 -12.91 18.17
N GLY A 8 16.66 -13.05 16.98
CA GLY A 8 16.09 -14.30 16.51
C GLY A 8 14.60 -14.43 16.71
N THR A 10 10.71 -13.60 16.39
CA THR A 10 9.68 -12.95 15.59
C THR A 10 8.38 -12.98 16.39
N THR A 11 7.74 -11.82 16.54
CA THR A 11 6.56 -11.70 17.38
C THR A 11 5.50 -10.89 16.66
N VAL A 12 4.28 -11.44 16.60
CA VAL A 12 3.13 -10.74 16.04
C VAL A 12 2.25 -10.28 17.19
N LEU A 13 1.85 -9.00 17.14
CA LEU A 13 1.01 -8.41 18.17
C LEU A 13 -0.33 -8.05 17.54
N ASP A 14 -1.37 -8.79 17.91
CA ASP A 14 -2.69 -8.62 17.31
C ASP A 14 -3.61 -7.81 18.23
N PHE A 15 -3.16 -6.60 18.58
CA PHE A 15 -3.97 -5.71 19.39
C PHE A 15 -5.29 -5.39 18.70
N HIS A 16 -6.33 -5.21 19.51
CA HIS A 16 -7.58 -4.68 18.99
C HIS A 16 -7.34 -3.27 18.46
N PRO A 17 -7.80 -2.94 17.26
CA PRO A 17 -7.64 -1.57 16.76
C PRO A 17 -8.34 -0.58 17.67
N GLY A 18 -7.70 0.56 17.87
CA GLY A 18 -8.22 1.59 18.76
C GLY A 18 -7.76 1.41 20.19
N THR A 22 -0.40 2.55 18.78
CA THR A 22 0.62 3.48 18.33
C THR A 22 0.83 4.58 19.39
N ARG A 23 -0.21 4.86 20.17
CA ARG A 23 -0.17 5.94 21.14
C ARG A 23 0.11 5.47 22.56
N ARG A 24 -0.07 4.18 22.86
CA ARG A 24 0.16 3.69 24.23
C ARG A 24 1.27 2.66 24.29
N PHE A 25 1.18 1.56 23.54
CA PHE A 25 2.17 0.48 23.66
C PHE A 25 3.50 0.84 23.01
N LEU A 26 3.46 1.27 21.74
CA LEU A 26 4.69 1.56 21.01
C LEU A 26 5.61 2.55 21.73
N PRO A 27 5.12 3.63 22.36
CA PRO A 27 6.03 4.44 23.18
C PRO A 27 6.67 3.67 24.33
N GLN A 28 5.98 2.68 24.88
CA GLN A 28 6.54 1.91 25.98
C GLN A 28 7.60 0.92 25.52
N ILE A 29 7.36 0.22 24.41
CA ILE A 29 8.34 -0.75 23.94
C ILE A 29 9.58 -0.04 23.42
N LEU A 30 9.42 1.18 22.88
CA LEU A 30 10.59 1.96 22.49
C LEU A 30 11.37 2.44 23.71
N ALA A 31 10.67 2.67 24.83
CA ALA A 31 11.35 3.10 26.05
C ALA A 31 12.27 2.02 26.58
N GLU A 32 11.81 0.77 26.61
CA GLU A 32 12.68 -0.31 27.04
C GLU A 32 13.80 -0.56 26.03
N CYS A 33 13.52 -0.34 24.75
CA CYS A 33 14.59 -0.36 23.75
C CYS A 33 15.66 0.68 24.08
N ALA A 34 15.24 1.87 24.51
CA ALA A 34 16.20 2.91 24.87
C ALA A 34 17.01 2.51 26.11
N ARG A 35 16.34 2.01 27.14
CA ARG A 35 17.04 1.62 28.36
C ARG A 35 18.02 0.48 28.09
N ARG A 36 17.66 -0.43 27.18
CA ARG A 36 18.57 -1.47 26.73
C ARG A 36 19.56 -0.97 25.69
N ARG A 37 19.38 0.25 25.19
CA ARG A 37 20.25 0.85 24.17
C ARG A 37 20.37 -0.04 22.94
N LEU A 38 19.26 -0.65 22.55
CA LEU A 38 19.19 -1.45 21.34
C LEU A 38 18.84 -0.56 20.16
N ARG A 39 19.68 -0.58 19.12
CA ARG A 39 19.36 0.18 17.91
C ARG A 39 18.07 -0.36 17.31
N THR A 40 17.06 0.50 17.25
CA THR A 40 15.70 0.10 16.91
C THR A 40 15.24 0.79 15.64
N LEU A 41 14.54 0.05 14.79
CA LEU A 41 13.94 0.57 13.57
C LEU A 41 12.42 0.45 13.68
N VAL A 42 11.73 1.57 13.57
CA VAL A 42 10.27 1.61 13.64
C VAL A 42 9.76 1.99 12.26
N LEU A 43 9.01 1.08 11.64
CA LEU A 43 8.52 1.24 10.29
C LEU A 43 7.04 1.57 10.29
N ALA A 44 6.65 2.55 9.46
CA ALA A 44 5.27 2.98 9.32
C ALA A 44 4.80 2.75 7.89
N PRO A 45 3.52 2.40 7.70
CA PRO A 45 3.04 2.09 6.34
C PRO A 45 2.77 3.33 5.50
N THR A 46 2.33 4.41 6.13
CA THR A 46 1.94 5.61 5.41
C THR A 46 2.52 6.84 6.10
N ARG A 47 2.59 7.94 5.33
CA ARG A 47 3.02 9.22 5.89
C ARG A 47 2.07 9.69 6.99
N VAL A 48 0.81 9.30 6.92
CA VAL A 48 -0.16 9.63 7.96
C VAL A 48 0.28 9.02 9.29
N VAL A 49 0.47 7.69 9.31
CA VAL A 49 0.87 7.01 10.53
C VAL A 49 2.21 7.54 11.03
N LEU A 50 3.13 7.83 10.10
CA LEU A 50 4.42 8.39 10.48
C LEU A 50 4.27 9.73 11.19
N SER A 51 3.32 10.56 10.73
CA SER A 51 3.09 11.84 11.39
C SER A 51 2.48 11.65 12.77
N GLU A 52 1.59 10.66 12.92
CA GLU A 52 1.01 10.39 14.23
C GLU A 52 2.06 9.89 15.22
N LYS A 54 5.12 10.99 15.31
CA LYS A 54 5.80 12.19 15.77
C LYS A 54 5.12 12.76 17.00
N GLU A 55 3.79 12.79 17.00
CA GLU A 55 3.07 13.30 18.17
C GLU A 55 3.12 12.30 19.33
N ALA A 56 3.02 11.01 19.02
CA ALA A 56 3.00 10.00 20.07
C ALA A 56 4.35 9.79 20.72
N PHE A 57 5.44 10.17 20.05
CA PHE A 57 6.79 9.96 20.55
C PHE A 57 7.43 11.24 21.09
N HIS A 58 6.64 12.25 21.44
CA HIS A 58 7.21 13.57 21.70
C HIS A 58 8.16 13.59 22.90
N GLY A 59 8.00 12.67 23.84
CA GLY A 59 8.94 12.59 24.94
C GLY A 59 10.11 11.65 24.70
N LEU A 60 10.33 11.23 23.46
CA LEU A 60 11.34 10.24 23.13
C LEU A 60 12.44 10.84 22.29
N ASP A 61 13.59 10.15 22.27
CA ASP A 61 14.76 10.54 21.48
C ASP A 61 14.77 9.66 20.24
N VAL A 62 14.05 10.10 19.20
CA VAL A 62 13.82 9.31 18.00
C VAL A 62 14.14 10.17 16.78
N LYS A 63 14.91 9.62 15.84
CA LYS A 63 15.24 10.30 14.60
C LYS A 63 14.23 9.90 13.53
N PHE A 64 13.45 10.89 13.05
CA PHE A 64 12.47 10.66 12.00
C PHE A 64 13.09 10.99 10.65
N HIS A 65 12.88 10.10 9.69
CA HIS A 65 13.38 10.28 8.32
C HIS A 65 12.15 10.50 7.43
N THR A 66 11.65 11.73 7.41
CA THR A 66 10.44 12.06 6.68
C THR A 66 10.66 12.20 5.18
N GLN A 67 11.91 12.16 4.70
CA GLN A 67 12.18 12.32 3.28
C GLN A 67 13.25 11.36 2.80
N ALA A 68 14.32 11.20 3.58
CA ALA A 68 15.42 10.33 3.18
C ALA A 68 16.14 9.82 4.41
N PHE A 69 16.88 8.73 4.22
CA PHE A 69 17.71 8.10 5.25
C PHE A 69 19.14 8.06 4.73
N SER A 70 19.81 9.21 4.75
CA SER A 70 21.12 9.36 4.14
C SER A 70 22.21 9.67 5.16
N ALA A 71 21.94 9.46 6.44
CA ALA A 71 22.93 9.74 7.48
C ALA A 71 23.19 8.49 8.32
N GLU A 77 20.72 9.13 19.49
CA GLU A 77 19.65 8.62 18.64
C GLU A 77 19.81 7.14 18.38
N VAL A 78 19.12 6.33 19.17
CA VAL A 78 19.16 4.88 19.05
C VAL A 78 17.91 4.31 18.39
N ILE A 79 16.94 5.16 18.05
CA ILE A 79 15.68 4.72 17.45
C ILE A 79 15.49 5.48 16.14
N ASP A 80 15.26 4.73 15.06
CA ASP A 80 14.98 5.31 13.74
C ASP A 80 13.53 5.04 13.37
N ALA A 81 12.85 6.06 12.86
CA ALA A 81 11.46 5.96 12.44
C ALA A 81 11.34 6.42 11.00
N CYS A 83 9.06 5.41 6.89
CA CYS A 83 8.08 4.64 6.16
C CYS A 83 8.73 3.41 5.54
N HIS A 84 7.88 2.46 5.13
CA HIS A 84 8.38 1.26 4.46
C HIS A 84 9.16 1.63 3.19
N ALA A 85 8.61 2.54 2.39
CA ALA A 85 9.26 2.93 1.14
C ALA A 85 10.61 3.61 1.41
N THR A 86 10.66 4.48 2.42
CA THR A 86 11.92 5.13 2.77
C THR A 86 12.99 4.11 3.15
N LEU A 87 12.58 2.99 3.74
CA LEU A 87 13.53 1.93 4.06
C LEU A 87 13.91 1.13 2.82
N THR A 88 12.91 0.71 2.04
CA THR A 88 13.16 -0.13 0.88
C THR A 88 14.14 0.53 -0.09
N TYR A 89 14.06 1.85 -0.25
CA TYR A 89 14.84 2.50 -1.30
C TYR A 89 16.29 2.73 -0.88
N ARG A 90 16.54 2.98 0.40
CA ARG A 90 17.92 2.98 0.90
C ARG A 90 18.54 1.59 0.81
N LEU A 92 17.97 -0.48 -1.46
CA LEU A 92 18.30 -0.71 -2.87
C LEU A 92 19.69 -0.20 -3.23
N GLU A 93 20.28 0.66 -2.40
CA GLU A 93 21.62 1.08 -2.75
C GLU A 93 22.64 0.14 -2.11
N PRO A 94 23.69 -0.25 -2.84
CA PRO A 94 24.86 -0.83 -2.17
C PRO A 94 25.44 0.17 -1.16
N THR A 95 25.08 0.03 0.11
CA THR A 95 25.44 1.01 1.11
C THR A 95 25.89 0.30 2.38
N ARG A 96 26.21 1.13 3.39
CA ARG A 96 26.62 0.64 4.70
C ARG A 96 25.45 -0.06 5.38
N VAL A 97 25.64 -1.36 5.69
CA VAL A 97 24.64 -2.07 6.45
C VAL A 97 24.50 -1.43 7.83
N VAL A 98 23.27 -1.35 8.31
CA VAL A 98 22.96 -0.87 9.65
C VAL A 98 22.53 -2.05 10.50
N ASN A 99 23.15 -2.22 11.66
CA ASN A 99 22.82 -3.31 12.57
C ASN A 99 21.70 -2.88 13.49
N TRP A 100 20.50 -2.83 12.93
CA TRP A 100 19.30 -2.66 13.75
C TRP A 100 19.04 -3.95 14.51
N GLU A 101 19.11 -3.89 15.85
CA GLU A 101 18.89 -5.07 16.68
C GLU A 101 17.41 -5.31 16.97
N VAL A 102 16.56 -4.29 16.83
CA VAL A 102 15.12 -4.44 17.00
C VAL A 102 14.44 -3.80 15.80
N ILE A 103 13.45 -4.49 15.24
CA ILE A 103 12.69 -3.99 14.10
C ILE A 103 11.22 -4.08 14.46
N ILE A 104 10.53 -2.94 14.45
CA ILE A 104 9.12 -2.85 14.79
C ILE A 104 8.36 -2.31 13.60
N ASP A 106 4.64 -1.11 12.33
CA ASP A 106 3.27 -0.74 12.65
C ASP A 106 2.36 -0.99 11.45
N GLU A 107 1.15 -1.49 11.73
CA GLU A 107 0.19 -1.85 10.70
C GLU A 107 0.82 -2.77 9.66
N ALA A 108 1.37 -3.89 10.13
CA ALA A 108 2.13 -4.78 9.26
C ALA A 108 1.23 -5.63 8.38
N HIS A 109 0.21 -5.01 7.81
CA HIS A 109 -0.74 -5.70 6.97
C HIS A 109 -0.94 -5.04 5.60
N PHE A 110 -0.38 -3.85 5.37
CA PHE A 110 -0.57 -3.19 4.10
C PHE A 110 0.06 -4.00 2.98
N LEU A 111 -0.56 -3.91 1.79
CA LEU A 111 -0.20 -4.78 0.68
C LEU A 111 0.38 -4.01 -0.51
N ASP A 112 0.94 -2.82 -0.27
CA ASP A 112 1.79 -2.22 -1.29
C ASP A 112 3.13 -2.96 -1.33
N PRO A 113 3.79 -3.01 -2.49
CA PRO A 113 5.00 -3.86 -2.62
C PRO A 113 6.08 -3.55 -1.59
N ALA A 114 6.27 -2.27 -1.23
CA ALA A 114 7.32 -1.93 -0.28
C ALA A 114 7.02 -2.47 1.11
N SER A 115 5.73 -2.49 1.49
CA SER A 115 5.35 -3.04 2.78
C SER A 115 5.61 -4.54 2.83
N ILE A 116 5.20 -5.27 1.79
CA ILE A 116 5.37 -6.72 1.75
C ILE A 116 6.84 -7.07 1.81
N ALA A 117 7.64 -6.44 0.94
CA ALA A 117 9.08 -6.72 0.90
C ALA A 117 9.76 -6.39 2.21
N ALA A 118 9.26 -5.37 2.93
CA ALA A 118 9.85 -5.01 4.22
C ALA A 118 9.56 -6.08 5.28
N ARG A 119 8.38 -6.69 5.22
CA ARG A 119 8.07 -7.79 6.12
C ARG A 119 9.04 -8.95 5.93
N GLY A 120 9.23 -9.39 4.70
CA GLY A 120 10.20 -10.44 4.43
C GLY A 120 11.61 -10.04 4.81
N TRP A 121 11.96 -8.77 4.61
CA TRP A 121 13.27 -8.29 5.01
C TRP A 121 13.43 -8.35 6.52
N ALA A 122 12.47 -7.80 7.26
CA ALA A 122 12.55 -7.82 8.72
C ALA A 122 12.48 -9.24 9.25
N ALA A 123 11.63 -10.09 8.65
CA ALA A 123 11.57 -11.49 9.04
C ALA A 123 12.87 -12.21 8.76
N HIS A 124 13.60 -11.79 7.73
CA HIS A 124 14.89 -12.42 7.42
C HIS A 124 15.92 -12.10 8.50
N ARG A 125 15.99 -10.83 8.91
CA ARG A 125 16.96 -10.43 9.93
C ARG A 125 16.71 -11.15 11.25
N ALA A 126 15.47 -11.53 11.52
CA ALA A 126 15.18 -12.33 12.70
C ALA A 126 15.74 -13.73 12.56
N ARG A 127 15.45 -14.41 11.45
CA ARG A 127 15.97 -15.75 11.24
C ARG A 127 17.49 -15.76 11.18
N ALA A 128 18.10 -14.66 10.72
CA ALA A 128 19.56 -14.56 10.67
C ALA A 128 20.17 -14.17 12.01
N ASN A 129 19.35 -14.03 13.05
CA ASN A 129 19.79 -13.66 14.40
C ASN A 129 20.44 -12.29 14.46
N GLU A 130 20.12 -11.40 13.52
CA GLU A 130 20.62 -10.04 13.55
C GLU A 130 19.66 -9.07 14.23
N SER A 131 18.37 -9.41 14.29
CA SER A 131 17.38 -8.49 14.81
C SER A 131 16.29 -9.27 15.52
N ALA A 132 15.57 -8.57 16.40
CA ALA A 132 14.28 -9.01 16.90
C ALA A 132 13.20 -8.29 16.10
N THR A 133 12.27 -9.05 15.54
CA THR A 133 11.26 -8.50 14.63
C THR A 133 9.90 -8.56 15.30
N ILE A 134 9.18 -7.43 15.28
CA ILE A 134 7.87 -7.31 15.89
C ILE A 134 6.92 -6.73 14.84
N LEU A 135 5.84 -7.44 14.55
CA LEU A 135 4.83 -7.01 13.59
C LEU A 135 3.54 -6.70 14.33
N THR A 137 -0.37 -5.64 14.00
CA THR A 137 -1.57 -5.58 13.16
C THR A 137 -2.64 -6.49 13.77
N ALA A 138 -3.89 -6.04 13.69
CA ALA A 138 -5.02 -6.86 14.09
C ALA A 138 -5.31 -7.98 13.11
N THR A 139 -4.92 -7.82 11.84
CA THR A 139 -5.08 -8.84 10.81
C THR A 139 -3.69 -9.23 10.31
N PRO A 140 -2.99 -10.11 11.03
CA PRO A 140 -1.68 -10.53 10.56
C PRO A 140 -1.78 -11.24 9.24
N PRO A 141 -0.71 -11.25 8.44
CA PRO A 141 -0.72 -12.01 7.19
C PRO A 141 -0.94 -13.48 7.46
N GLY A 142 -1.75 -14.11 6.62
CA GLY A 142 -2.17 -15.48 6.83
C GLY A 142 -3.51 -15.63 7.52
N THR A 143 -4.06 -14.56 8.08
CA THR A 143 -5.40 -14.58 8.65
C THR A 143 -6.42 -14.20 7.57
N SER A 144 -7.54 -14.91 7.57
CA SER A 144 -8.60 -14.68 6.60
C SER A 144 -9.95 -14.69 7.30
N ASP A 145 -10.13 -13.75 8.22
CA ASP A 145 -11.36 -13.63 9.01
C ASP A 145 -11.94 -12.25 8.77
N GLU A 146 -13.16 -12.21 8.21
CA GLU A 146 -13.77 -10.95 7.86
C GLU A 146 -14.37 -10.23 9.08
N PHE A 147 -14.55 -10.94 10.19
CA PHE A 147 -15.17 -10.38 11.39
C PHE A 147 -14.37 -10.79 12.62
N PRO A 148 -13.20 -10.18 12.82
CA PRO A 148 -12.39 -10.49 14.01
C PRO A 148 -12.90 -9.73 15.23
N HIS A 149 -12.18 -9.91 16.34
CA HIS A 149 -12.59 -9.29 17.59
C HIS A 149 -12.47 -7.77 17.51
N SER A 150 -13.28 -7.09 18.31
CA SER A 150 -13.24 -5.65 18.45
C SER A 150 -13.35 -5.30 19.92
N ASN A 151 -13.00 -4.06 20.25
CA ASN A 151 -13.17 -3.58 21.63
C ASN A 151 -14.65 -3.57 22.01
N GLY A 152 -15.48 -2.92 21.20
CA GLY A 152 -16.91 -2.93 21.42
C GLY A 152 -17.62 -3.83 20.43
N GLU A 153 -18.82 -4.31 20.78
CA GLU A 153 -19.54 -5.21 19.88
C GLU A 153 -19.96 -4.50 18.61
N ILE A 154 -20.07 -5.26 17.52
CA ILE A 154 -20.30 -4.73 16.19
C ILE A 154 -21.55 -5.40 15.61
N GLU A 155 -22.39 -4.59 14.94
CA GLU A 155 -23.52 -5.12 14.19
C GLU A 155 -23.09 -5.34 12.74
N ASP A 156 -23.06 -6.60 12.32
CA ASP A 156 -22.75 -6.96 10.94
C ASP A 156 -24.05 -7.18 10.18
N VAL A 157 -24.16 -6.55 9.01
CA VAL A 157 -25.38 -6.62 8.20
C VAL A 157 -24.99 -6.90 6.77
N GLN A 158 -25.41 -8.04 6.24
CA GLN A 158 -25.26 -8.37 4.83
C GLN A 158 -26.46 -7.81 4.07
N THR A 159 -26.21 -6.81 3.22
CA THR A 159 -27.29 -6.13 2.52
C THR A 159 -26.76 -5.52 1.23
N ASP A 160 -27.68 -5.29 0.30
CA ASP A 160 -27.33 -4.58 -0.92
C ASP A 160 -26.96 -3.14 -0.62
N ILE A 161 -25.81 -2.70 -1.12
CA ILE A 161 -25.35 -1.33 -0.96
C ILE A 161 -25.11 -0.74 -2.34
N PRO A 162 -25.73 0.38 -2.70
CA PRO A 162 -25.52 0.95 -4.03
C PRO A 162 -24.12 1.49 -4.21
N SER A 163 -23.61 1.38 -5.45
CA SER A 163 -22.34 1.96 -5.83
C SER A 163 -22.51 3.30 -6.54
N GLU A 164 -23.62 3.51 -7.23
CA GLU A 164 -23.98 4.76 -7.84
C GLU A 164 -25.22 5.35 -7.17
N PRO A 165 -25.43 6.66 -7.25
CA PRO A 165 -26.59 7.27 -6.60
C PRO A 165 -27.91 6.63 -7.01
N TRP A 166 -28.86 6.62 -6.07
CA TRP A 166 -30.11 5.89 -6.23
C TRP A 166 -31.28 6.82 -5.94
N ASN A 167 -32.42 6.54 -6.60
CA ASN A 167 -33.64 7.30 -6.39
C ASN A 167 -34.75 6.46 -5.76
N THR A 168 -34.44 5.25 -5.29
CA THR A 168 -35.44 4.40 -4.67
C THR A 168 -34.77 3.23 -3.95
N GLY A 169 -35.28 2.90 -2.78
CA GLY A 169 -35.06 1.59 -2.18
C GLY A 169 -33.93 1.44 -1.19
N HIS A 170 -33.34 2.53 -0.69
CA HIS A 170 -32.27 2.45 0.29
C HIS A 170 -32.44 3.57 1.32
N ASP A 171 -33.62 3.60 1.96
CA ASP A 171 -33.90 4.64 2.94
C ASP A 171 -33.00 4.53 4.18
N TRP A 172 -32.57 3.32 4.52
CA TRP A 172 -31.84 3.11 5.77
C TRP A 172 -30.50 3.83 5.79
N ILE A 173 -29.93 4.10 4.61
CA ILE A 173 -28.60 4.71 4.54
C ILE A 173 -28.60 6.10 5.17
N LEU A 174 -29.38 7.02 4.59
CA LEU A 174 -29.44 8.38 5.10
C LEU A 174 -30.33 8.51 6.33
N ALA A 175 -31.19 7.52 6.60
CA ALA A 175 -32.00 7.56 7.81
C ALA A 175 -31.17 7.35 9.08
N ASP A 176 -29.99 6.75 8.94
CA ASP A 176 -29.04 6.66 10.04
C ASP A 176 -28.21 7.94 10.11
N LYS A 177 -28.00 8.43 11.33
CA LYS A 177 -27.42 9.75 11.54
C LYS A 177 -25.99 9.72 12.08
N ARG A 178 -25.47 8.55 12.45
CA ARG A 178 -24.12 8.47 12.98
C ARG A 178 -23.10 8.77 11.88
N PRO A 179 -21.95 9.33 12.24
CA PRO A 179 -20.88 9.54 11.24
C PRO A 179 -20.46 8.22 10.60
N THR A 180 -20.42 8.22 9.27
CA THR A 180 -20.27 7.00 8.49
C THR A 180 -19.07 7.08 7.55
N ALA A 181 -18.36 5.97 7.43
CA ALA A 181 -17.31 5.81 6.43
C ALA A 181 -17.81 4.85 5.35
N TRP A 182 -17.62 5.23 4.09
CA TRP A 182 -18.14 4.46 2.96
C TRP A 182 -16.99 4.15 2.01
N PHE A 183 -16.71 2.87 1.81
CA PHE A 183 -15.64 2.43 0.93
C PHE A 183 -16.23 2.09 -0.44
N LEU A 184 -15.77 2.79 -1.47
CA LEU A 184 -16.29 2.71 -2.82
C LEU A 184 -15.20 2.23 -3.77
N PRO A 185 -15.56 1.66 -4.93
CA PRO A 185 -14.53 1.03 -5.78
C PRO A 185 -13.50 2.00 -6.32
N SER A 186 -13.89 3.23 -6.65
CA SER A 186 -12.98 4.17 -7.30
C SER A 186 -13.22 5.57 -6.77
N ILE A 187 -12.20 6.43 -6.95
CA ILE A 187 -12.34 7.84 -6.61
C ILE A 187 -13.41 8.48 -7.49
N ARG A 188 -13.50 8.06 -8.75
CA ARG A 188 -14.54 8.56 -9.64
C ARG A 188 -15.92 8.27 -9.07
N ALA A 189 -16.14 7.04 -8.59
CA ALA A 189 -17.40 6.70 -7.95
C ALA A 189 -17.59 7.50 -6.66
N ALA A 190 -16.52 7.67 -5.89
CA ALA A 190 -16.61 8.44 -4.65
C ALA A 190 -16.97 9.90 -4.92
N ASN A 191 -16.38 10.49 -5.96
CA ASN A 191 -16.68 11.87 -6.30
C ASN A 191 -18.13 12.03 -6.76
N VAL A 192 -18.58 11.12 -7.63
CA VAL A 192 -19.97 11.15 -8.10
C VAL A 192 -20.91 11.00 -6.92
N ALA A 194 -20.33 11.53 -3.81
CA ALA A 194 -20.17 12.64 -2.86
C ALA A 194 -21.12 13.79 -3.19
N ALA A 195 -21.18 14.18 -4.46
CA ALA A 195 -22.07 15.27 -4.85
C ALA A 195 -23.53 14.90 -4.62
N SER A 196 -23.88 13.64 -4.86
CA SER A 196 -25.27 13.21 -4.68
C SER A 196 -25.66 13.20 -3.20
N LEU A 197 -24.71 12.90 -2.32
CA LEU A 197 -25.00 12.94 -0.89
C LEU A 197 -25.04 14.36 -0.36
N ARG A 198 -24.26 15.28 -0.94
CA ARG A 198 -24.30 16.67 -0.51
C ARG A 198 -25.53 17.38 -1.03
N LYS A 199 -25.99 17.04 -2.24
CA LYS A 199 -27.27 17.56 -2.71
C LYS A 199 -28.41 17.01 -1.86
N ALA A 200 -28.21 15.86 -1.23
CA ALA A 200 -29.14 15.33 -0.25
C ALA A 200 -29.04 16.01 1.11
N GLY A 201 -28.13 16.98 1.25
CA GLY A 201 -27.98 17.74 2.47
C GLY A 201 -26.91 17.25 3.42
N LYS A 202 -26.31 16.10 3.15
CA LYS A 202 -25.30 15.54 4.03
C LYS A 202 -23.95 16.21 3.82
N SER A 203 -23.14 16.20 4.88
CA SER A 203 -21.75 16.62 4.80
C SER A 203 -20.89 15.44 4.38
N VAL A 204 -20.01 15.66 3.41
CA VAL A 204 -19.21 14.60 2.82
C VAL A 204 -17.76 15.06 2.73
N VAL A 205 -16.84 14.16 3.06
CA VAL A 205 -15.41 14.35 2.87
C VAL A 205 -14.88 13.14 2.11
N VAL A 206 -14.04 13.39 1.12
CA VAL A 206 -13.54 12.35 0.22
C VAL A 206 -12.03 12.26 0.42
N LEU A 207 -11.57 11.13 0.96
CA LEU A 207 -10.15 10.92 1.20
C LEU A 207 -9.46 10.44 -0.07
N ASN A 208 -8.28 11.00 -0.33
CA ASN A 208 -7.55 10.76 -1.57
C ASN A 208 -6.13 11.30 -1.44
N ARG A 209 -5.23 10.73 -2.24
CA ARG A 209 -3.87 11.24 -2.45
C ARG A 209 -3.71 12.74 -2.23
N LYS A 222 -14.21 18.82 13.53
CA LYS A 222 -14.82 18.62 12.21
C LYS A 222 -15.23 17.16 12.02
N LYS A 223 -16.54 16.93 11.98
CA LYS A 223 -17.06 15.58 11.77
C LYS A 223 -18.02 15.58 10.60
N PRO A 224 -17.65 14.98 9.47
CA PRO A 224 -18.59 14.87 8.36
C PRO A 224 -19.60 13.76 8.64
N ASP A 225 -20.78 13.90 8.05
CA ASP A 225 -21.76 12.82 8.11
C ASP A 225 -21.31 11.62 7.28
N PHE A 226 -20.42 11.83 6.32
CA PHE A 226 -19.91 10.77 5.47
C PHE A 226 -18.43 11.01 5.17
N ILE A 227 -17.65 9.95 5.24
CA ILE A 227 -16.27 9.95 4.76
C ILE A 227 -16.15 8.86 3.69
N LEU A 228 -15.82 9.27 2.48
CA LEU A 228 -15.71 8.36 1.34
C LEU A 228 -14.25 8.14 1.01
N ALA A 229 -13.85 6.87 0.86
CA ALA A 229 -12.50 6.52 0.47
C ALA A 229 -12.53 5.20 -0.28
N THR A 230 -11.42 4.89 -0.94
CA THR A 230 -11.27 3.62 -1.65
C THR A 230 -10.43 2.61 -0.88
N ASP A 231 -9.68 3.06 0.13
CA ASP A 231 -8.91 2.18 1.00
C ASP A 231 -8.80 2.83 2.38
N ILE A 232 -8.07 2.18 3.27
CA ILE A 232 -7.94 2.65 4.65
C ILE A 232 -6.61 3.36 4.82
N ALA A 233 -5.90 3.57 3.71
CA ALA A 233 -4.54 4.08 3.75
C ALA A 233 -4.48 5.50 4.29
N GLU A 234 -5.44 6.34 3.91
CA GLU A 234 -5.41 7.75 4.29
C GLU A 234 -6.05 8.02 5.64
N GLY A 236 -6.08 8.02 9.63
CA GLY A 236 -5.39 7.90 10.88
C GLY A 236 -6.27 7.36 11.99
N ALA A 237 -5.64 7.09 13.13
CA ALA A 237 -6.40 6.66 14.30
C ALA A 237 -7.32 7.75 14.82
N ASN A 238 -7.12 8.99 14.38
CA ASN A 238 -7.94 10.10 14.84
C ASN A 238 -9.39 9.97 14.40
N LEU A 239 -9.64 9.30 13.27
CA LEU A 239 -10.94 9.33 12.63
C LEU A 239 -12.02 8.74 13.54
N CYS A 240 -13.11 9.49 13.69
CA CYS A 240 -14.20 9.15 14.60
C CYS A 240 -15.42 8.80 13.76
N VAL A 241 -15.78 7.52 13.72
CA VAL A 241 -16.85 7.01 12.87
C VAL A 241 -17.53 5.85 13.58
N GLU A 242 -18.86 5.81 13.52
CA GLU A 242 -19.66 4.79 14.18
C GLU A 242 -20.27 3.77 13.23
N ARG A 243 -20.22 4.00 11.92
CA ARG A 243 -20.82 3.10 10.93
C ARG A 243 -19.95 3.05 9.69
N VAL A 244 -19.84 1.85 9.11
CA VAL A 244 -19.09 1.64 7.88
C VAL A 244 -19.99 0.96 6.86
N LEU A 245 -20.09 1.56 5.67
CA LEU A 245 -20.58 0.88 4.49
C LEU A 245 -19.39 0.44 3.65
N ASP A 246 -19.47 -0.76 3.07
CA ASP A 246 -18.33 -1.36 2.39
C ASP A 246 -18.80 -1.99 1.08
N CYS A 247 -18.40 -1.39 -0.05
CA CYS A 247 -18.64 -2.01 -1.34
C CYS A 247 -17.87 -3.32 -1.49
N ARG A 248 -16.83 -3.53 -0.67
CA ARG A 248 -16.01 -4.74 -0.69
C ARG A 248 -15.44 -5.04 -2.08
N THR A 249 -15.14 -3.99 -2.85
CA THR A 249 -14.53 -4.16 -4.15
C THR A 249 -13.40 -3.14 -4.31
N ALA A 250 -12.54 -3.39 -5.28
CA ALA A 250 -11.42 -2.51 -5.58
C ALA A 250 -10.83 -2.88 -6.92
N PHE A 251 -10.29 -1.90 -7.62
CA PHE A 251 -9.51 -2.16 -8.82
C PHE A 251 -8.08 -2.47 -8.44
N LYS A 252 -7.45 -3.37 -9.20
CA LYS A 252 -6.13 -3.87 -8.85
C LYS A 252 -5.23 -4.01 -10.07
N PRO A 253 -3.94 -3.75 -9.93
CA PRO A 253 -2.98 -4.03 -11.01
C PRO A 253 -2.71 -5.53 -11.08
N VAL A 254 -3.17 -6.17 -12.15
CA VAL A 254 -3.14 -7.61 -12.29
C VAL A 254 -2.19 -7.99 -13.42
N LEU A 255 -1.46 -9.08 -13.23
CA LEU A 255 -0.62 -9.63 -14.29
C LEU A 255 -1.46 -10.41 -15.29
N VAL A 256 -1.32 -10.08 -16.57
CA VAL A 256 -2.05 -10.73 -17.65
C VAL A 256 -1.06 -11.09 -18.76
N ASP A 257 -1.57 -11.76 -19.79
CA ASP A 257 -0.77 -12.18 -20.94
C ASP A 257 0.47 -12.95 -20.51
N GLU A 258 0.24 -14.07 -19.83
CA GLU A 258 1.31 -14.95 -19.35
C GLU A 258 2.31 -14.20 -18.47
N GLY A 259 1.88 -13.10 -17.87
CA GLY A 259 2.71 -12.35 -16.94
C GLY A 259 3.71 -11.40 -17.57
N ARG A 260 3.56 -11.06 -18.85
CA ARG A 260 4.43 -10.10 -19.51
C ARG A 260 3.74 -8.75 -19.71
N LYS A 261 2.55 -8.56 -19.17
CA LYS A 261 1.88 -7.26 -19.17
C LYS A 261 1.17 -7.08 -17.84
N VAL A 262 1.04 -5.82 -17.42
CA VAL A 262 0.31 -5.46 -16.21
C VAL A 262 -0.92 -4.68 -16.63
N ALA A 263 -2.09 -5.21 -16.30
CA ALA A 263 -3.36 -4.57 -16.62
C ALA A 263 -4.11 -4.23 -15.34
N ILE A 264 -4.92 -3.19 -15.40
CA ILE A 264 -5.78 -2.80 -14.30
C ILE A 264 -7.15 -3.42 -14.49
N LYS A 265 -7.62 -4.15 -13.49
CA LYS A 265 -8.87 -4.90 -13.58
C LYS A 265 -9.75 -4.57 -12.39
N GLY A 266 -11.05 -4.66 -12.61
CA GLY A 266 -12.02 -4.41 -11.55
C GLY A 266 -13.42 -4.06 -12.01
N PRO A 267 -14.34 -3.83 -11.05
CA PRO A 267 -14.06 -3.93 -9.61
C PRO A 267 -13.98 -5.38 -9.11
N LEU A 268 -12.81 -5.74 -8.58
CA LEU A 268 -12.57 -7.09 -8.08
C LEU A 268 -12.89 -7.19 -6.60
N ARG A 269 -13.07 -8.43 -6.14
CA ARG A 269 -13.30 -8.64 -4.72
C ARG A 269 -12.03 -8.38 -3.93
N ILE A 270 -12.20 -8.07 -2.65
CA ILE A 270 -11.09 -7.82 -1.75
C ILE A 270 -10.93 -9.03 -0.84
N SER A 271 -9.77 -9.12 -0.18
CA SER A 271 -9.48 -10.24 0.69
C SER A 271 -10.24 -10.10 2.01
N ALA A 272 -10.19 -11.16 2.81
CA ALA A 272 -10.89 -11.15 4.10
C ALA A 272 -10.25 -10.18 5.08
N SER A 273 -8.92 -10.07 5.06
CA SER A 273 -8.23 -9.13 5.94
C SER A 273 -8.56 -7.69 5.58
N SER A 274 -8.58 -7.37 4.29
CA SER A 274 -8.92 -6.01 3.85
C SER A 274 -10.31 -5.63 4.32
N ALA A 275 -11.27 -6.55 4.20
CA ALA A 275 -12.60 -6.29 4.72
C ALA A 275 -12.60 -6.20 6.24
N ALA A 276 -11.75 -6.98 6.90
CA ALA A 276 -11.65 -6.89 8.35
C ALA A 276 -11.05 -5.55 8.78
N GLN A 277 -10.13 -5.00 7.98
CA GLN A 277 -9.54 -3.71 8.32
C GLN A 277 -10.51 -2.57 8.06
N ARG A 278 -11.25 -2.63 6.94
CA ARG A 278 -12.31 -1.66 6.70
C ARG A 278 -13.36 -1.71 7.81
N ARG A 279 -13.76 -2.92 8.20
CA ARG A 279 -14.69 -3.08 9.31
C ARG A 279 -14.06 -2.63 10.62
N GLY A 280 -12.74 -2.76 10.76
CA GLY A 280 -11.99 -2.38 11.94
C GLY A 280 -12.00 -0.91 12.26
N ARG A 281 -12.53 -0.07 11.35
CA ARG A 281 -12.63 1.36 11.64
C ARG A 281 -13.64 1.63 12.75
N ILE A 282 -14.65 0.78 12.89
CA ILE A 282 -15.68 0.95 13.89
C ILE A 282 -15.55 -0.17 14.92
N GLY A 283 -16.30 -0.03 16.01
CA GLY A 283 -16.18 -0.95 17.13
C GLY A 283 -14.95 -0.74 18.00
N ARG A 284 -14.28 0.40 17.89
CA ARG A 284 -13.03 0.63 18.59
C ARG A 284 -13.22 1.04 20.05
N ASN A 285 -14.41 1.52 20.43
CA ASN A 285 -14.61 1.95 21.81
C ASN A 285 -15.15 0.79 22.64
N PRO A 286 -14.50 0.44 23.75
CA PRO A 286 -15.07 -0.60 24.63
C PRO A 286 -16.39 -0.20 25.24
N ASN A 287 -16.64 1.10 25.42
CA ASN A 287 -17.89 1.55 26.03
C ASN A 287 -19.06 1.48 25.06
N ARG A 288 -18.81 1.61 23.76
CA ARG A 288 -19.87 1.73 22.76
C ARG A 288 -20.07 0.39 22.06
N ASP A 289 -21.23 -0.22 22.28
CA ASP A 289 -21.69 -1.33 21.46
C ASP A 289 -22.65 -0.82 20.40
N GLY A 290 -22.91 -1.65 19.40
CA GLY A 290 -23.90 -1.34 18.39
C GLY A 290 -23.39 -0.65 17.16
N ASP A 291 -22.08 -0.47 17.02
CA ASP A 291 -21.52 0.03 15.77
C ASP A 291 -21.84 -0.92 14.64
N SER A 292 -22.12 -0.37 13.46
CA SER A 292 -22.72 -1.12 12.37
C SER A 292 -21.76 -1.20 11.18
N TYR A 293 -21.66 -2.39 10.61
CA TYR A 293 -20.85 -2.64 9.42
C TYR A 293 -21.74 -3.30 8.37
N TYR A 294 -22.00 -2.60 7.28
CA TYR A 294 -22.86 -3.08 6.20
C TYR A 294 -21.99 -3.48 5.01
N TYR A 295 -22.26 -4.66 4.46
CA TYR A 295 -21.51 -5.18 3.34
C TYR A 295 -22.43 -6.03 2.48
N SER A 296 -22.00 -6.29 1.25
CA SER A 296 -22.75 -7.15 0.33
C SER A 296 -21.87 -8.25 -0.24
N GLU A 297 -20.91 -7.85 -1.07
CA GLU A 297 -20.09 -8.78 -1.82
C GLU A 297 -19.36 -9.73 -0.87
N PRO A 298 -19.22 -10.99 -1.25
CA PRO A 298 -18.32 -11.87 -0.50
C PRO A 298 -16.87 -11.47 -0.72
N THR A 299 -15.95 -12.12 -0.03
CA THR A 299 -14.53 -11.85 -0.23
C THR A 299 -13.88 -13.01 -0.97
N SER A 300 -12.61 -12.82 -1.33
CA SER A 300 -11.88 -13.81 -2.10
C SER A 300 -10.40 -13.70 -1.75
N GLU A 301 -9.72 -14.85 -1.69
CA GLU A 301 -8.30 -14.90 -1.41
C GLU A 301 -7.47 -15.21 -2.65
N ASN A 302 -8.12 -15.45 -3.79
CA ASN A 302 -7.43 -15.79 -5.02
C ASN A 302 -6.89 -14.50 -5.64
N ASN A 303 -5.66 -14.14 -5.25
CA ASN A 303 -5.05 -12.90 -5.71
C ASN A 303 -3.57 -13.07 -6.04
N ALA A 304 -3.10 -14.30 -6.24
CA ALA A 304 -1.70 -14.51 -6.59
C ALA A 304 -1.35 -13.88 -7.93
N HIS A 305 -2.34 -13.66 -8.80
CA HIS A 305 -2.10 -13.02 -10.08
C HIS A 305 -1.95 -11.51 -9.97
N HIS A 306 -2.27 -10.93 -8.80
CA HIS A 306 -2.05 -9.51 -8.60
C HIS A 306 -0.55 -9.21 -8.62
N VAL A 307 -0.19 -8.09 -9.24
CA VAL A 307 1.22 -7.81 -9.51
C VAL A 307 2.00 -7.44 -8.26
N CYS A 308 1.32 -7.11 -7.16
CA CYS A 308 2.01 -6.58 -5.99
C CYS A 308 2.94 -7.62 -5.36
N TRP A 309 2.60 -8.91 -5.47
CA TRP A 309 3.46 -9.95 -4.91
C TRP A 309 4.79 -10.02 -5.65
N LEU A 310 4.74 -10.08 -6.98
CA LEU A 310 5.97 -10.09 -7.78
C LEU A 310 6.76 -8.81 -7.58
N GLU A 311 6.07 -7.67 -7.48
CA GLU A 311 6.75 -6.40 -7.22
C GLU A 311 7.43 -6.41 -5.86
N ALA A 312 6.81 -7.04 -4.86
CA ALA A 312 7.45 -7.22 -3.57
C ALA A 312 8.68 -8.11 -3.69
N SER A 313 8.59 -9.18 -4.49
CA SER A 313 9.75 -10.03 -4.71
C SER A 313 10.89 -9.24 -5.35
N LEU A 315 11.56 -6.07 -5.31
CA LEU A 315 12.14 -5.17 -4.34
C LEU A 315 12.99 -5.94 -3.32
N LEU A 316 12.41 -6.95 -2.68
CA LEU A 316 13.16 -7.73 -1.70
C LEU A 316 14.33 -8.47 -2.35
N ASP A 317 14.14 -8.97 -3.57
CA ASP A 317 15.23 -9.64 -4.27
C ASP A 317 16.17 -8.60 -4.89
N ASN A 318 16.13 -7.39 -4.37
CA ASN A 318 17.09 -6.38 -4.76
C ASN A 318 17.47 -5.44 -3.62
N GLU A 320 19.52 -4.47 -0.21
CA GLU A 320 20.78 -4.86 0.39
C GLU A 320 20.54 -5.62 1.69
N VAL A 321 21.23 -6.76 1.83
CA VAL A 321 21.20 -7.58 3.03
C VAL A 321 22.64 -7.89 3.41
N ARG A 322 22.91 -7.92 4.72
CA ARG A 322 24.21 -8.35 5.21
C ARG A 322 24.51 -9.77 4.74
N GLY A 323 25.69 -9.96 4.17
CA GLY A 323 26.05 -11.24 3.61
C GLY A 323 25.50 -11.50 2.23
N GLY A 324 24.70 -10.59 1.68
CA GLY A 324 24.15 -10.76 0.36
C GLY A 324 23.32 -12.01 0.20
N VAL A 326 19.77 -14.56 0.37
CA VAL A 326 18.46 -14.57 -0.27
C VAL A 326 17.39 -14.84 0.78
N ALA A 327 16.29 -14.09 0.71
CA ALA A 327 15.19 -14.21 1.65
C ALA A 327 13.85 -14.32 0.93
N PRO A 328 12.99 -15.23 1.36
CA PRO A 328 11.64 -15.28 0.83
C PRO A 328 10.75 -14.22 1.46
N LEU A 329 9.56 -14.06 0.89
CA LEU A 329 8.59 -13.16 1.49
C LEU A 329 8.12 -13.74 2.82
N TYR A 330 7.42 -12.92 3.58
CA TYR A 330 7.06 -13.28 4.96
C TYR A 330 5.87 -14.22 4.97
N GLY A 331 6.05 -15.40 5.57
CA GLY A 331 4.93 -16.29 5.85
C GLY A 331 4.16 -16.69 4.61
N VAL A 332 2.84 -16.51 4.67
CA VAL A 332 1.95 -16.89 3.58
C VAL A 332 2.25 -16.10 2.31
N GLU A 333 2.86 -14.91 2.46
CA GLU A 333 3.17 -14.07 1.31
C GLU A 333 4.26 -14.67 0.43
N GLY A 334 4.95 -15.71 0.90
CA GLY A 334 5.82 -16.46 0.01
C GLY A 334 5.07 -17.37 -0.93
N THR A 335 3.85 -17.79 -0.55
CA THR A 335 3.01 -18.58 -1.44
C THR A 335 2.48 -17.74 -2.60
N LYS A 336 2.26 -16.45 -2.36
CA LYS A 336 1.58 -15.60 -3.33
C LYS A 336 2.47 -15.18 -4.49
N THR A 337 3.78 -15.08 -4.27
CA THR A 337 4.64 -14.60 -5.36
C THR A 337 4.88 -15.71 -6.39
N PRO A 338 4.85 -15.38 -7.69
CA PRO A 338 5.03 -16.42 -8.70
C PRO A 338 6.49 -16.83 -8.94
N VAL A 339 7.46 -16.04 -8.49
CA VAL A 339 8.85 -16.39 -8.67
C VAL A 339 9.39 -17.05 -7.41
N SER A 340 10.69 -17.37 -7.42
CA SER A 340 11.32 -18.05 -6.30
C SER A 340 12.35 -17.12 -5.66
N PRO A 341 12.51 -17.16 -4.32
CA PRO A 341 13.43 -16.24 -3.64
C PRO A 341 14.80 -16.11 -4.29
N GLY A 342 15.18 -14.88 -4.64
CA GLY A 342 16.44 -14.58 -5.29
C GLY A 342 16.34 -14.43 -6.80
N GLU A 343 15.18 -14.71 -7.38
CA GLU A 343 15.08 -14.80 -8.83
C GLU A 343 15.18 -13.45 -9.52
N ARG A 345 16.99 -10.76 -8.76
CA ARG A 345 18.16 -9.96 -8.42
C ARG A 345 18.83 -9.42 -9.67
N LEU A 346 19.41 -8.23 -9.55
CA LEU A 346 20.05 -7.54 -10.66
C LEU A 346 21.51 -7.26 -10.32
N ARG A 347 22.28 -6.97 -11.36
CA ARG A 347 23.60 -6.42 -11.14
C ARG A 347 23.46 -5.02 -10.53
N ASP A 348 24.52 -4.58 -9.86
CA ASP A 348 24.47 -3.30 -9.17
C ASP A 348 24.24 -2.15 -10.14
N ASP A 349 24.89 -2.19 -11.30
CA ASP A 349 24.66 -1.17 -12.32
C ASP A 349 23.23 -1.26 -12.86
N GLN A 350 22.72 -2.47 -13.05
CA GLN A 350 21.30 -2.63 -13.40
C GLN A 350 20.41 -2.03 -12.32
N ARG A 351 20.75 -2.30 -11.05
CA ARG A 351 19.85 -1.99 -9.95
C ARG A 351 19.75 -0.49 -9.69
N LYS A 352 20.83 0.26 -9.92
CA LYS A 352 20.80 1.68 -9.60
C LYS A 352 19.86 2.45 -10.52
N VAL A 353 19.79 2.06 -11.80
CA VAL A 353 18.74 2.58 -12.67
C VAL A 353 17.37 2.14 -12.16
N PHE A 354 17.27 0.87 -11.78
CA PHE A 354 16.02 0.35 -11.22
C PHE A 354 15.61 1.12 -9.97
N ARG A 355 16.57 1.45 -9.11
CA ARG A 355 16.25 2.22 -7.91
C ARG A 355 15.94 3.67 -8.27
N GLU A 356 16.74 4.27 -9.14
CA GLU A 356 16.54 5.67 -9.51
C GLU A 356 15.21 5.89 -10.24
N LEU A 357 14.82 4.93 -11.07
CA LEU A 357 13.59 5.10 -11.84
C LEU A 357 12.36 4.99 -10.95
N VAL A 358 12.39 4.13 -9.94
CA VAL A 358 11.25 4.03 -9.04
C VAL A 358 11.19 5.23 -8.10
N ARG A 359 12.34 5.62 -7.55
CA ARG A 359 12.34 6.60 -6.47
C ARG A 359 12.04 8.00 -6.98
N ASN A 360 12.75 8.45 -8.01
CA ASN A 360 12.65 9.84 -8.45
C ASN A 360 11.87 10.04 -9.75
N CYS A 361 11.61 8.98 -10.51
CA CYS A 361 10.82 9.09 -11.73
C CYS A 361 9.40 8.58 -11.56
N ASP A 362 9.04 8.09 -10.37
CA ASP A 362 7.67 7.67 -10.05
C ASP A 362 7.13 6.69 -11.09
N LEU A 363 7.89 5.63 -11.34
CA LEU A 363 7.44 4.62 -12.26
C LEU A 363 7.13 3.32 -11.54
N PRO A 364 6.11 2.57 -11.97
CA PRO A 364 5.78 1.31 -11.32
C PRO A 364 7.00 0.40 -11.18
N VAL A 365 7.04 -0.33 -10.06
CA VAL A 365 8.18 -1.21 -9.78
C VAL A 365 8.34 -2.26 -10.87
N TRP A 366 7.23 -2.83 -11.32
CA TRP A 366 7.30 -3.88 -12.33
C TRP A 366 7.92 -3.38 -13.62
N LEU A 367 7.53 -2.17 -14.06
CA LEU A 367 8.06 -1.63 -15.31
C LEU A 367 9.53 -1.28 -15.17
N SER A 368 9.92 -0.64 -14.07
CA SER A 368 11.31 -0.25 -13.87
C SER A 368 12.23 -1.47 -13.83
N TRP A 369 11.71 -2.63 -13.41
CA TRP A 369 12.54 -3.82 -13.43
C TRP A 369 12.77 -4.32 -14.84
N GLN A 370 11.81 -4.09 -15.74
CA GLN A 370 11.97 -4.54 -17.13
C GLN A 370 13.06 -3.77 -17.84
N VAL A 371 13.25 -2.49 -17.51
CA VAL A 371 14.29 -1.71 -18.16
C VAL A 371 15.65 -2.05 -17.58
N ALA A 372 15.70 -2.38 -16.29
CA ALA A 372 16.97 -2.71 -15.65
C ALA A 372 17.47 -4.07 -16.10
N LYS A 373 16.56 -5.03 -16.24
CA LYS A 373 16.94 -6.33 -16.78
C LYS A 373 17.42 -6.21 -18.22
N ALA A 374 16.92 -5.22 -18.96
CA ALA A 374 17.35 -5.01 -20.33
C ALA A 374 18.73 -4.35 -20.39
N GLY A 375 19.00 -3.41 -19.48
CA GLY A 375 20.26 -2.72 -19.45
C GLY A 375 20.20 -1.26 -19.87
N LEU A 376 19.01 -0.72 -20.13
CA LEU A 376 18.90 0.68 -20.49
C LEU A 376 19.17 1.58 -19.27
N LYS A 377 19.28 2.88 -19.53
CA LYS A 377 19.71 3.86 -18.54
C LYS A 377 18.62 4.89 -18.31
N THR A 378 18.60 5.45 -17.10
CA THR A 378 17.52 6.34 -16.67
C THR A 378 17.28 7.48 -17.66
N ASN A 379 18.35 8.18 -18.08
CA ASN A 379 18.16 9.32 -18.97
C ASN A 379 17.74 8.92 -20.37
N ASP A 380 17.92 7.65 -20.75
CA ASP A 380 17.46 7.17 -22.04
C ASP A 380 15.97 6.87 -21.97
N ARG A 381 15.20 7.55 -22.81
CA ARG A 381 13.75 7.35 -22.87
C ARG A 381 13.32 6.70 -24.18
N LYS A 382 14.23 5.95 -24.82
CA LYS A 382 13.93 5.34 -26.11
C LYS A 382 12.95 4.17 -25.97
N TRP A 383 13.03 3.42 -24.87
CA TRP A 383 12.15 2.27 -24.69
C TRP A 383 10.68 2.66 -24.68
N CYS A 384 10.38 3.93 -24.38
CA CYS A 384 9.02 4.44 -24.50
C CYS A 384 8.53 4.44 -25.94
N PHE A 385 9.40 4.17 -26.91
CA PHE A 385 9.05 4.36 -28.32
C PHE A 385 9.28 3.13 -29.20
N GLU A 386 10.20 2.25 -28.85
CA GLU A 386 10.51 1.08 -29.68
C GLU A 386 9.48 -0.03 -29.56
N GLY A 387 8.30 0.24 -28.99
CA GLY A 387 7.31 -0.79 -28.79
C GLY A 387 6.41 -1.03 -29.98
N PRO A 388 5.85 -2.24 -30.07
CA PRO A 388 4.85 -2.52 -31.12
C PRO A 388 3.62 -1.62 -30.99
N GLU A 389 2.81 -1.61 -32.04
CA GLU A 389 1.62 -0.76 -32.04
C GLU A 389 0.53 -1.28 -31.11
N GLU A 390 0.54 -2.57 -30.80
CA GLU A 390 -0.44 -3.09 -29.84
C GLU A 390 -0.18 -2.53 -28.45
N HIS A 391 1.05 -2.13 -28.18
CA HIS A 391 1.39 -1.45 -26.93
C HIS A 391 1.03 0.02 -26.92
N GLU A 392 0.63 0.57 -28.08
CA GLU A 392 0.22 1.97 -28.15
C GLU A 392 -0.83 2.28 -27.10
N ILE A 393 -0.74 3.49 -26.54
CA ILE A 393 -1.66 3.92 -25.50
C ILE A 393 -2.60 4.97 -26.08
N LEU A 394 -3.85 4.94 -25.61
CA LEU A 394 -4.87 5.86 -26.08
C LEU A 394 -5.01 7.00 -25.06
N ASN A 395 -6.15 7.68 -25.10
CA ASN A 395 -6.46 8.72 -24.13
C ASN A 395 -7.89 8.48 -23.65
N ASP A 396 -8.47 9.46 -22.96
CA ASP A 396 -9.85 9.35 -22.54
C ASP A 396 -10.80 9.53 -23.73
N SER A 397 -10.45 10.40 -24.68
CA SER A 397 -11.29 10.62 -25.84
C SER A 397 -11.19 9.51 -26.88
N GLY A 398 -10.22 8.60 -26.73
CA GLY A 398 -10.10 7.46 -27.62
C GLY A 398 -9.02 7.57 -28.67
N GLU A 399 -8.41 8.74 -28.84
CA GLU A 399 -7.34 8.90 -29.80
C GLU A 399 -6.02 8.36 -29.24
N THR A 400 -5.04 8.19 -30.13
CA THR A 400 -3.75 7.64 -29.78
C THR A 400 -2.74 8.77 -29.62
N VAL A 401 -2.16 8.88 -28.42
CA VAL A 401 -1.27 9.99 -28.08
C VAL A 401 0.11 9.75 -28.69
N LYS A 402 0.87 10.83 -28.84
CA LYS A 402 2.23 10.79 -29.39
C LYS A 402 2.98 12.01 -28.87
N CYS A 403 4.28 11.84 -28.62
CA CYS A 403 5.07 12.91 -28.01
C CYS A 403 6.48 12.90 -28.61
N ARG A 404 7.33 13.78 -28.06
CA ARG A 404 8.68 13.97 -28.59
C ARG A 404 9.59 12.81 -28.19
N ALA A 405 10.19 12.16 -29.19
CA ALA A 405 11.21 11.15 -28.95
C ALA A 405 12.56 11.82 -28.73
N PRO A 406 13.55 11.09 -28.23
CA PRO A 406 14.88 11.67 -28.04
C PRO A 406 15.44 12.21 -29.36
N GLY A 407 16.00 13.41 -29.30
CA GLY A 407 16.53 14.08 -30.47
C GLY A 407 15.59 15.05 -31.15
N GLY A 408 14.42 15.32 -30.57
CA GLY A 408 13.45 16.21 -31.16
C GLY A 408 12.49 15.55 -32.13
N ALA A 409 12.81 14.36 -32.62
CA ALA A 409 11.90 13.66 -33.53
C ALA A 409 10.59 13.35 -32.84
N LYS A 410 9.49 13.78 -33.44
CA LYS A 410 8.16 13.43 -32.94
C LYS A 410 7.83 12.02 -33.44
N LYS A 411 8.08 11.02 -32.60
CA LYS A 411 7.91 9.61 -32.92
C LYS A 411 6.93 8.96 -31.95
N PRO A 412 6.23 7.90 -32.35
CA PRO A 412 5.03 7.48 -31.63
C PRO A 412 5.33 6.72 -30.34
N LEU A 413 4.43 6.89 -29.38
CA LEU A 413 4.62 6.42 -28.01
C LEU A 413 4.15 4.98 -27.91
N ARG A 414 5.10 4.04 -27.85
CA ARG A 414 4.78 2.64 -27.59
C ARG A 414 5.77 2.05 -26.59
N PRO A 415 5.30 1.63 -25.42
CA PRO A 415 6.20 0.97 -24.48
C PRO A 415 6.66 -0.38 -24.99
N ARG A 416 7.94 -0.68 -24.79
CA ARG A 416 8.42 -2.02 -25.07
C ARG A 416 7.81 -3.03 -24.10
N TRP A 417 7.46 -2.58 -22.90
CA TRP A 417 6.70 -3.36 -21.92
C TRP A 417 5.52 -2.53 -21.47
N CYS A 418 4.32 -3.10 -21.58
CA CYS A 418 3.09 -2.37 -21.29
C CYS A 418 2.73 -2.51 -19.82
N ASP A 419 2.53 -1.38 -19.15
CA ASP A 419 2.10 -1.33 -17.76
C ASP A 419 0.97 -0.30 -17.69
N GLU A 420 -0.27 -0.78 -17.67
CA GLU A 420 -1.43 0.10 -17.76
C GLU A 420 -1.51 1.13 -16.63
N ARG A 421 -0.63 1.04 -15.63
CA ARG A 421 -0.63 2.02 -14.55
C ARG A 421 -0.12 3.38 -15.01
N VAL A 422 0.70 3.43 -16.07
CA VAL A 422 1.20 4.71 -16.55
C VAL A 422 0.20 5.44 -17.44
N SER A 423 -0.91 4.81 -17.80
CA SER A 423 -1.93 5.44 -18.64
C SER A 423 -3.33 5.25 -18.07
N SER A 424 -3.45 4.98 -16.77
CA SER A 424 -4.76 4.72 -16.17
C SER A 424 -5.67 5.94 -16.22
N ASP A 425 -5.10 7.14 -16.09
CA ASP A 425 -5.89 8.36 -16.10
C ASP A 425 -5.08 9.46 -16.79
N GLN A 426 -5.68 10.64 -16.91
CA GLN A 426 -4.98 11.77 -17.51
C GLN A 426 -3.72 12.12 -16.74
N SER A 427 -3.77 12.04 -15.41
CA SER A 427 -2.60 12.40 -14.61
C SER A 427 -1.44 11.44 -14.87
N ALA A 428 -1.76 10.17 -15.13
CA ALA A 428 -0.72 9.15 -15.31
C ALA A 428 0.03 9.36 -16.62
N LEU A 429 -0.67 9.27 -17.75
CA LEU A 429 0.01 9.34 -19.05
C LEU A 429 0.59 10.73 -19.28
N SER A 430 0.02 11.77 -18.68
CA SER A 430 0.65 13.08 -18.73
C SER A 430 2.07 13.01 -18.17
N GLU A 431 2.19 12.61 -16.90
CA GLU A 431 3.50 12.50 -16.28
C GLU A 431 4.35 11.41 -16.92
N PHE A 432 3.73 10.40 -17.51
CA PHE A 432 4.51 9.40 -18.25
C PHE A 432 5.07 10.00 -19.53
N ILE A 433 4.34 10.92 -20.15
CA ILE A 433 4.86 11.61 -21.33
C ILE A 433 6.03 12.51 -20.95
N LYS A 434 5.88 13.25 -19.84
CA LYS A 434 6.99 14.08 -19.37
C LYS A 434 8.23 13.25 -19.09
N PHE A 435 8.04 11.97 -18.74
CA PHE A 435 9.18 11.06 -18.61
C PHE A 435 9.75 10.71 -19.98
N ALA A 436 8.89 10.52 -20.98
CA ALA A 436 9.36 10.16 -22.31
C ALA A 436 10.10 11.31 -22.97
N GLU A 437 9.58 12.53 -22.83
CA GLU A 437 10.25 13.69 -23.42
C GLU A 437 11.46 14.12 -22.59
N GLY A 438 11.30 14.16 -21.27
CA GLY A 438 12.39 14.53 -20.39
C GLY A 438 12.03 15.65 -19.43
#